data_7O5E
#
_entry.id   7O5E
#
_entity_poly.entity_id   1
_entity_poly.type   'polydeoxyribonucleotide'
_entity_poly.pdbx_seq_one_letter_code
;(DC)(DNR)(DNR)(DG)(DT)(DT)(DT)(DNR)(DNR)(DT)(DC)(DG)(DC)(DG)(DA)(DA)(DG)(DC)(DA)
(DT)(DT)(DC)(DG)(DC)(DG)(DNR)(DC)(DC)(DG)(DT)(DT)(DT)(DC)(DC)(DT)
;
_entity_poly.pdbx_strand_id   A
#
loop_
_chem_comp.id
_chem_comp.type
_chem_comp.name
_chem_comp.formula
DA DNA linking 2'-DEOXYADENOSINE-5'-MONOPHOSPHATE 'C10 H14 N5 O6 P'
DC DNA linking 2'-DEOXYCYTIDINE-5'-MONOPHOSPHATE 'C9 H14 N3 O7 P'
DG DNA linking 2'-DEOXYGUANOSINE-5'-MONOPHOSPHATE 'C10 H14 N5 O7 P'
DNR DNA linking '2'-DEOXY-N3-PROTONATED CYTIDINE-5'-MONOPHOSPHATE' 'C9 H15 N3 O7 P 1'
DT DNA linking THYMIDINE-5'-MONOPHOSPHATE 'C10 H15 N2 O8 P'
#
# COMPACT_ATOMS: atom_id res chain seq x y z
P DNR A 2 -6.21 -1.60 -2.55
OP1 DNR A 2 -7.27 -2.54 -2.18
OP2 DNR A 2 -6.34 -0.16 -2.26
O5' DNR A 2 -4.86 -2.07 -1.81
C5' DNR A 2 -4.38 -3.39 -1.92
C4' DNR A 2 -3.09 -3.53 -1.07
O4' DNR A 2 -2.18 -2.49 -1.40
C1' DNR A 2 -1.52 -2.01 -0.23
N1 DNR A 2 -1.78 -0.56 -0.02
C6 DNR A 2 -3.08 -0.03 -0.04
C2 DNR A 2 -0.72 0.29 0.30
O2 DNR A 2 0.44 -0.11 0.32
N3 DNR A 2 -0.97 1.58 0.61
C4 DNR A 2 -2.20 2.09 0.62
N4 DNR A 2 -2.33 3.35 0.97
C5 DNR A 2 -3.32 1.27 0.27
C2' DNR A 2 -2.01 -2.89 0.91
C3' DNR A 2 -3.35 -3.43 0.43
O3' DNR A 2 -3.66 -4.70 0.99
H5' DNR A 2 -4.15 -3.61 -2.96
H5'' DNR A 2 -5.12 -4.10 -1.56
H4' DNR A 2 -2.63 -4.49 -1.29
H1' DNR A 2 -0.44 -2.15 -0.35
H6 DNR A 2 -3.88 -0.68 -0.31
HN3 DNR A 2 -0.17 2.16 0.86
H41 DNR A 2 -1.48 3.89 1.19
H42 DNR A 2 -3.22 3.83 0.96
H5 DNR A 2 -4.34 1.64 0.24
H2' DNR A 2 -2.12 -2.33 1.84
H2'' DNR A 2 -1.30 -3.69 1.06
H3' DNR A 2 -4.15 -2.72 0.63
P DNR A 3 -3.99 -4.92 2.56
OP1 DNR A 3 -4.64 -6.23 2.73
OP2 DNR A 3 -4.65 -3.71 3.07
O5' DNR A 3 -2.56 -4.99 3.28
C5' DNR A 3 -1.51 -5.85 2.85
C4' DNR A 3 -0.18 -5.50 3.56
O4' DNR A 3 -0.18 -4.10 3.90
C1' DNR A 3 -0.23 -3.94 5.32
N1 DNR A 3 -1.10 -2.79 5.72
C6 DNR A 3 -2.48 -2.82 5.58
C2 DNR A 3 -0.49 -1.64 6.23
O2 DNR A 3 0.73 -1.55 6.38
N3 DNR A 3 -1.27 -0.57 6.56
C4 DNR A 3 -2.58 -0.58 6.41
N4 DNR A 3 -3.25 0.51 6.73
C5 DNR A 3 -3.25 -1.74 5.91
C2' DNR A 3 -0.68 -5.29 5.87
C3' DNR A 3 0.02 -6.22 4.89
O3' DNR A 3 1.42 -6.29 5.18
H5' DNR A 3 -1.36 -5.74 1.78
H5'' DNR A 3 -1.79 -6.88 3.07
H4' DNR A 3 0.65 -5.74 2.90
H1' DNR A 3 0.79 -3.78 5.68
H6 DNR A 3 -2.95 -3.71 5.20
HN3 DNR A 3 -0.80 0.25 6.91
H41 DNR A 3 -2.74 1.36 7.05
H42 DNR A 3 -4.26 0.54 6.70
H5 DNR A 3 -4.32 -1.81 5.77
H2' DNR A 3 -1.76 -5.45 5.80
H2'' DNR A 3 -0.33 -5.45 6.88
H3' DNR A 3 -0.42 -7.22 4.87
P DNR A 8 7.19 -2.95 4.08
OP1 DNR A 8 7.90 -3.68 3.02
OP2 DNR A 8 7.27 -1.47 4.16
O5' DNR A 8 5.63 -3.29 3.96
C5' DNR A 8 5.13 -4.61 4.02
C4' DNR A 8 3.70 -4.65 3.44
O4' DNR A 8 2.93 -3.59 4.01
C1' DNR A 8 2.50 -2.70 2.99
N1 DNR A 8 2.54 -1.29 3.50
C6 DNR A 8 3.73 -0.70 3.90
C2 DNR A 8 1.35 -0.54 3.56
O2 DNR A 8 0.25 -1.00 3.25
N3 DNR A 8 1.41 0.75 3.97
C4 DNR A 8 2.55 1.32 4.37
N4 DNR A 8 2.51 2.58 4.76
C5 DNR A 8 3.77 0.58 4.35
C2' DNR A 8 3.41 -2.94 1.79
C3' DNR A 8 3.68 -4.43 1.93
O3' DNR A 8 2.62 -5.17 1.34
H5' DNR A 8 5.10 -4.94 5.06
H5'' DNR A 8 5.77 -5.29 3.45
H4' DNR A 8 3.26 -5.62 3.67
H1' DNR A 8 1.49 -2.98 2.71
H6 DNR A 8 4.63 -1.29 3.86
HN3 DNR A 8 0.54 1.28 3.99
H41 DNR A 8 1.61 3.07 4.77
H42 DNR A 8 3.35 3.04 5.08
H5 DNR A 8 4.72 0.99 4.67
H2' DNR A 8 4.35 -2.40 1.86
H2'' DNR A 8 2.92 -2.71 0.84
H3' DNR A 8 4.64 -4.71 1.48
P DNR A 9 2.78 -5.89 -0.11
OP1 DNR A 9 1.79 -6.98 -0.19
OP2 DNR A 9 4.21 -6.18 -0.35
O5' DNR A 9 2.33 -4.74 -1.14
C5' DNR A 9 0.95 -4.55 -1.42
C4' DNR A 9 0.72 -3.52 -2.53
O4' DNR A 9 1.08 -2.20 -2.13
C1' DNR A 9 1.55 -1.55 -3.29
N1 DNR A 9 2.15 -0.22 -2.97
C6 DNR A 9 3.52 0.00 -2.91
C2 DNR A 9 1.27 0.84 -2.68
O2 DNR A 9 0.05 0.73 -2.78
N3 DNR A 9 1.78 2.02 -2.29
C4 DNR A 9 3.09 2.24 -2.18
N4 DNR A 9 3.51 3.43 -1.80
C5 DNR A 9 4.02 1.21 -2.52
C2' DNR A 9 2.47 -2.64 -3.85
C3' DNR A 9 1.47 -3.79 -3.85
O3' DNR A 9 0.54 -3.61 -4.89
H5' DNR A 9 0.45 -4.22 -0.51
H5'' DNR A 9 0.52 -5.49 -1.74
H4' DNR A 9 -0.34 -3.53 -2.76
H1' DNR A 9 0.72 -1.41 -3.98
H6 DNR A 9 4.19 -0.79 -3.19
HN3 DNR A 9 1.11 2.76 -2.08
H41 DNR A 9 2.81 4.16 -1.63
H42 DNR A 9 4.48 3.62 -1.65
H5 DNR A 9 5.09 1.35 -2.47
H2' DNR A 9 3.30 -2.87 -3.18
H2'' DNR A 9 2.82 -2.41 -4.86
H3' DNR A 9 1.94 -4.78 -3.86
P DNR A 26 7.92 9.55 -6.72
OP1 DNR A 26 8.38 10.49 -5.66
OP2 DNR A 26 8.92 8.98 -7.64
O5' DNR A 26 7.14 8.32 -6.00
C5' DNR A 26 6.64 8.36 -4.66
C4' DNR A 26 5.10 8.50 -4.53
O4' DNR A 26 4.43 7.45 -5.21
C1' DNR A 26 3.38 6.95 -4.40
N1 DNR A 26 3.03 5.55 -4.82
C6 DNR A 26 4.04 4.63 -5.05
C2 DNR A 26 1.69 5.15 -4.92
O2 DNR A 26 0.75 5.91 -4.68
N3 DNR A 26 1.41 3.87 -5.27
C4 DNR A 26 2.37 2.98 -5.51
N4 DNR A 26 2.03 1.75 -5.83
C5 DNR A 26 3.75 3.33 -5.37
C2' DNR A 26 3.94 7.05 -2.99
C3' DNR A 26 4.67 8.39 -3.06
O3' DNR A 26 3.79 9.44 -2.72
H5' DNR A 26 7.12 9.16 -4.10
H5'' DNR A 26 6.92 7.41 -4.20
H4' DNR A 26 4.79 9.46 -4.93
H1' DNR A 26 2.50 7.59 -4.49
H6 DNR A 26 5.06 4.97 -5.00
HN3 DNR A 26 0.44 3.62 -5.36
H41 DNR A 26 1.03 1.51 -5.91
H42 DNR A 26 2.71 1.09 -6.13
H5 DNR A 26 4.54 2.61 -5.51
H2' DNR A 26 4.65 6.24 -2.78
H2'' DNR A 26 3.15 7.06 -2.23
H3' DNR A 26 5.54 8.38 -2.39
P DNR A 2 -7.16 0.02 -2.01
OP1 DNR A 2 -8.31 -0.84 -1.64
OP2 DNR A 2 -7.21 1.48 -1.76
O5' DNR A 2 -5.80 -0.56 -1.35
C5' DNR A 2 -5.43 -1.94 -1.41
C4' DNR A 2 -4.15 -2.19 -0.57
O4' DNR A 2 -3.09 -1.31 -0.95
C1' DNR A 2 -2.34 -0.90 0.19
N1 DNR A 2 -2.42 0.59 0.38
C6 DNR A 2 -3.62 1.28 0.41
C2 DNR A 2 -1.23 1.29 0.59
O2 DNR A 2 -0.12 0.74 0.54
N3 DNR A 2 -1.28 2.61 0.87
C4 DNR A 2 -2.43 3.27 0.93
N4 DNR A 2 -2.36 4.56 1.25
C5 DNR A 2 -3.67 2.60 0.68
C2' DNR A 2 -2.90 -1.66 1.38
C3' DNR A 2 -4.33 -2.01 0.94
O3' DNR A 2 -4.79 -3.21 1.53
H5' DNR A 2 -5.23 -2.22 -2.45
H5'' DNR A 2 -6.24 -2.56 -1.01
H4' DNR A 2 -3.82 -3.22 -0.73
H1' DNR A 2 -1.29 -1.18 0.06
H6 DNR A 2 -4.53 0.72 0.19
HN3 DNR A 2 -0.40 3.08 1.05
H41 DNR A 2 -1.42 4.96 1.41
H42 DNR A 2 -3.16 5.16 1.26
H5 DNR A 2 -4.63 3.12 0.68
H2' DNR A 2 -2.90 -1.08 2.32
H2'' DNR A 2 -2.31 -2.56 1.52
H3' DNR A 2 -5.01 -1.20 1.16
P DNR A 3 -5.01 -3.37 3.12
OP1 DNR A 3 -5.91 -4.51 3.40
OP2 DNR A 3 -5.27 -2.04 3.72
O5' DNR A 3 -3.55 -3.78 3.63
C5' DNR A 3 -2.83 -4.86 3.09
C4' DNR A 3 -1.42 -4.93 3.73
O4' DNR A 3 -0.99 -3.61 4.12
C1' DNR A 3 -0.99 -3.47 5.55
N1 DNR A 3 -1.55 -2.15 6.06
C6 DNR A 3 -2.89 -1.84 6.08
C2 DNR A 3 -0.64 -1.15 6.48
O2 DNR A 3 0.57 -1.32 6.43
N3 DNR A 3 -1.14 0.05 6.90
C4 DNR A 3 -2.42 0.34 6.89
N4 DNR A 3 -2.85 1.54 7.27
C5 DNR A 3 -3.37 -0.64 6.46
C2' DNR A 3 -1.72 -4.72 6.08
C3' DNR A 3 -1.34 -5.74 5.02
O3' DNR A 3 -0.02 -6.22 5.22
H5' DNR A 3 -2.72 -4.69 2.01
H5'' DNR A 3 -3.39 -5.79 3.19
H4' DNR A 3 -0.76 -5.39 2.99
H1' DNR A 3 0.04 -3.57 5.90
H6 DNR A 3 -3.59 -2.60 5.73
HN3 DNR A 3 -0.45 0.74 7.21
H41 DNR A 3 -2.15 2.29 7.48
H42 DNR A 3 -3.82 1.74 7.40
H5 DNR A 3 -4.44 -0.44 6.38
H2' DNR A 3 -2.80 -4.60 6.14
H2'' DNR A 3 -1.35 -5.00 7.06
H3' DNR A 3 -2.04 -6.59 5.00
P DNR A 8 5.50 -6.56 4.16
OP1 DNR A 8 5.43 -7.98 3.76
OP2 DNR A 8 6.58 -5.75 3.59
O5' DNR A 8 4.06 -5.89 3.77
C5' DNR A 8 3.77 -4.54 4.04
C4' DNR A 8 2.39 -4.13 3.57
O4' DNR A 8 2.07 -2.85 4.13
C1' DNR A 8 1.57 -2.01 3.13
N1 DNR A 8 1.88 -0.62 3.56
C6 DNR A 8 3.17 -0.24 3.88
C2 DNR A 8 0.84 0.30 3.72
O2 DNR A 8 -0.35 -0.01 3.55
N3 DNR A 8 1.13 1.56 4.08
C4 DNR A 8 2.36 1.94 4.38
N4 DNR A 8 2.53 3.17 4.82
C5 DNR A 8 3.47 1.03 4.28
C2' DNR A 8 2.37 -2.46 1.89
C3' DNR A 8 2.38 -3.98 2.05
O3' DNR A 8 1.21 -4.62 1.54
H5' DNR A 8 4.48 -3.91 3.53
H5'' DNR A 8 3.83 -4.33 5.09
H4' DNR A 8 1.62 -4.83 3.86
H1' DNR A 8 0.49 -2.17 3.01
H6 DNR A 8 3.96 -0.99 3.81
HN3 DNR A 8 0.35 2.22 4.17
H41 DNR A 8 1.70 3.78 4.89
H42 DNR A 8 3.44 3.55 5.03
H5 DNR A 8 4.48 1.30 4.54
H2' DNR A 8 3.38 -2.04 1.93
H2'' DNR A 8 1.85 -2.15 0.99
H3' DNR A 8 3.31 -4.41 1.61
P DNR A 9 1.09 -5.38 0.10
OP1 DNR A 9 -0.15 -6.17 0.20
OP2 DNR A 9 2.34 -6.08 -0.25
O5' DNR A 9 0.84 -4.17 -0.96
C5' DNR A 9 -0.49 -3.75 -1.28
C4' DNR A 9 -0.52 -2.73 -2.41
O4' DNR A 9 -0.02 -1.45 -2.03
C1' DNR A 9 0.55 -0.87 -3.19
N1 DNR A 9 1.26 0.42 -2.90
C6 DNR A 9 2.64 0.55 -2.95
C2 DNR A 9 0.49 1.55 -2.57
O2 DNR A 9 -0.74 1.54 -2.63
N3 DNR A 9 1.10 2.70 -2.21
C4 DNR A 9 2.43 2.82 -2.23
N4 DNR A 9 2.96 4.01 -1.95
C5 DNR A 9 3.27 1.72 -2.62
C2' DNR A 9 1.37 -2.07 -3.67
C3' DNR A 9 0.29 -3.14 -3.64
O3' DNR A 9 -0.50 -2.99 -4.80
H5' DNR A 9 -0.97 -3.34 -0.41
H5'' DNR A 9 -1.09 -4.62 -1.60
H4' DNR A 9 -1.56 -2.61 -2.74
H1' DNR A 9 -0.26 -0.68 -3.91
H6 DNR A 9 3.23 -0.29 -3.27
HN3 DNR A 9 0.51 3.48 -1.98
H41 DNR A 9 2.30 4.79 -1.76
H42 DNR A 9 3.94 4.17 -1.83
H5 DNR A 9 4.34 1.79 -2.70
H2' DNR A 9 2.15 -2.35 -2.95
H2'' DNR A 9 1.76 -1.95 -4.68
H3' DNR A 9 0.70 -4.16 -3.56
P DNR A 26 5.89 10.56 -7.54
OP1 DNR A 26 6.07 11.60 -6.50
OP2 DNR A 26 6.85 10.45 -8.66
O5' DNR A 26 5.86 9.12 -6.80
C5' DNR A 26 5.66 8.99 -5.41
C4' DNR A 26 4.18 9.15 -5.02
O4' DNR A 26 3.39 8.09 -5.54
C1' DNR A 26 2.50 7.65 -4.53
N1 DNR A 26 2.07 6.24 -4.84
C6 DNR A 26 2.99 5.25 -5.10
C2 DNR A 26 0.71 5.93 -4.88
O2 DNR A 26 -0.15 6.76 -4.63
N3 DNR A 26 0.34 4.66 -5.20
C4 DNR A 26 1.23 3.71 -5.49
N4 DNR A 26 0.77 2.50 -5.80
C5 DNR A 26 2.63 3.97 -5.39
C2' DNR A 26 3.34 7.79 -3.26
C3' DNR A 26 3.98 9.15 -3.49
O3' DNR A 26 3.14 10.22 -3.09
H5' DNR A 26 6.26 9.75 -4.91
H5'' DNR A 26 6.02 8.01 -5.11
H4' DNR A 26 3.81 10.10 -5.40
H1' DNR A 26 1.64 8.34 -4.51
H6 DNR A 26 4.04 5.53 -5.07
HN3 DNR A 26 -0.66 4.47 -5.26
H41 DNR A 26 -0.25 2.41 -5.93
H42 DNR A 26 1.35 1.75 -6.13
H5 DNR A 26 3.37 3.18 -5.51
H2' DNR A 26 4.10 7.02 -3.23
H2'' DNR A 26 2.73 7.80 -2.36
H3' DNR A 26 4.94 9.20 -2.99
P DNR A 2 -7.89 -1.09 -2.40
OP1 DNR A 2 -8.89 -2.07 -1.95
OP2 DNR A 2 -8.08 0.35 -2.13
O5' DNR A 2 -6.47 -1.49 -1.76
C5' DNR A 2 -5.95 -2.81 -1.85
C4' DNR A 2 -4.65 -2.91 -1.04
O4' DNR A 2 -3.78 -1.83 -1.40
C1' DNR A 2 -3.08 -1.35 -0.26
N1 DNR A 2 -3.39 0.09 -0.01
C6 DNR A 2 -4.68 0.57 0.03
C2 DNR A 2 -2.33 0.96 0.26
O2 DNR A 2 -1.16 0.60 0.20
N3 DNR A 2 -2.61 2.25 0.58
C4 DNR A 2 -3.84 2.72 0.64
N4 DNR A 2 -3.99 4.00 0.93
C5 DNR A 2 -4.95 1.86 0.37
C2' DNR A 2 -3.51 -2.24 0.91
C3' DNR A 2 -4.85 -2.81 0.48
O3' DNR A 2 -5.07 -4.09 1.04
H5' DNR A 2 -5.75 -3.06 -2.89
H5'' DNR A 2 -6.69 -3.52 -1.46
H4' DNR A 2 -4.16 -3.86 -1.25
H1' DNR A 2 -2.00 -1.47 -0.43
H6 DNR A 2 -5.48 -0.11 -0.22
HN3 DNR A 2 -1.81 2.86 0.78
H41 DNR A 2 -3.15 4.60 1.02
H42 DNR A 2 -4.90 4.43 0.99
H5 DNR A 2 -5.98 2.19 0.39
H2' DNR A 2 -3.58 -1.69 1.85
H2'' DNR A 2 -2.77 -3.04 1.02
H3' DNR A 2 -5.66 -2.14 0.73
P DNR A 3 -5.33 -4.28 2.62
OP1 DNR A 3 -6.04 -5.55 2.83
OP2 DNR A 3 -5.91 -3.02 3.15
O5' DNR A 3 -3.85 -4.41 3.22
C5' DNR A 3 -2.91 -5.35 2.70
C4' DNR A 3 -1.55 -5.26 3.41
O4' DNR A 3 -1.32 -3.89 3.81
C1' DNR A 3 -1.28 -3.82 5.23
N1 DNR A 3 -1.85 -2.54 5.74
C6 DNR A 3 -3.21 -2.32 5.82
C2 DNR A 3 -0.98 -1.51 6.12
O2 DNR A 3 0.24 -1.61 6.04
N3 DNR A 3 -1.50 -0.34 6.56
C4 DNR A 3 -2.80 -0.12 6.61
N4 DNR A 3 -3.23 1.08 7.00
C5 DNR A 3 -3.73 -1.13 6.25
C2' DNR A 3 -1.97 -5.10 5.71
C3' DNR A 3 -1.43 -6.09 4.69
O3' DNR A 3 -0.06 -6.41 4.89
H5' DNR A 3 -2.74 -5.15 1.64
H5'' DNR A 3 -3.32 -6.36 2.78
H4' DNR A 3 -0.78 -5.58 2.71
H1' DNR A 3 -0.23 -3.89 5.52
H6 DNR A 3 -3.89 -3.10 5.51
HN3 DNR A 3 -0.83 0.39 6.82
H41 DNR A 3 -2.55 1.84 7.16
H42 DNR A 3 -4.20 1.25 7.15
H5 DNR A 3 -4.80 -1.00 6.28
H2' DNR A 3 -3.06 -5.07 5.64
H2'' DNR A 3 -1.68 -5.37 6.72
H3' DNR A 3 -2.03 -7.01 4.66
P DNR A 8 6.34 -4.96 3.30
OP1 DNR A 8 6.96 -6.06 2.54
OP2 DNR A 8 6.68 -3.55 2.97
O5' DNR A 8 4.74 -5.11 3.15
C5' DNR A 8 3.87 -4.12 3.67
C4' DNR A 8 2.42 -4.29 3.20
O4' DNR A 8 1.69 -3.19 3.72
C1' DNR A 8 1.28 -2.34 2.67
N1 DNR A 8 1.45 -0.92 3.09
C6 DNR A 8 2.69 -0.39 3.34
C2 DNR A 8 0.31 -0.11 3.26
O2 DNR A 8 -0.84 -0.53 3.12
N3 DNR A 8 0.48 1.20 3.58
C4 DNR A 8 1.68 1.72 3.77
N4 DNR A 8 1.75 3.01 4.09
C5 DNR A 8 2.86 0.93 3.67
C2' DNR A 8 2.09 -2.73 1.43
C3' DNR A 8 2.24 -4.23 1.67
O3' DNR A 8 1.04 -4.88 1.31
H5' DNR A 8 4.23 -3.14 3.38
H5'' DNR A 8 3.88 -4.21 4.76
H4' DNR A 8 2.03 -5.24 3.57
H1' DNR A 8 0.22 -2.56 2.45
H6 DNR A 8 3.55 -1.05 3.27
HN3 DNR A 8 -0.37 1.76 3.66
H41 DNR A 8 0.87 3.54 4.16
H42 DNR A 8 2.62 3.47 4.28
H5 DNR A 8 3.85 1.31 3.87
H2' DNR A 8 3.08 -2.27 1.41
H2'' DNR A 8 1.55 -2.55 0.51
H3' DNR A 8 3.11 -4.65 1.16
P DNR A 9 0.91 -5.68 -0.09
OP1 DNR A 9 -0.23 -6.61 0.06
OP2 DNR A 9 2.24 -6.19 -0.47
O5' DNR A 9 0.49 -4.52 -1.13
C5' DNR A 9 -0.87 -4.30 -1.46
C4' DNR A 9 -1.03 -3.33 -2.63
O4' DNR A 9 -0.66 -2.01 -2.29
C1' DNR A 9 -0.12 -1.43 -3.46
N1 DNR A 9 0.49 -0.08 -3.18
C6 DNR A 9 1.85 0.16 -3.19
C2 DNR A 9 -0.40 0.96 -2.90
O2 DNR A 9 -1.62 0.83 -2.94
N3 DNR A 9 0.10 2.17 -2.57
C4 DNR A 9 1.41 2.41 -2.56
N4 DNR A 9 1.83 3.63 -2.29
C5 DNR A 9 2.35 1.38 -2.87
C2' DNR A 9 0.81 -2.54 -3.91
C3' DNR A 9 -0.21 -3.68 -3.89
O3' DNR A 9 -1.01 -3.57 -5.05
H5' DNR A 9 -1.38 -3.90 -0.58
H5'' DNR A 9 -1.35 -5.24 -1.73
H4' DNR A 9 -2.09 -3.33 -2.92
H1' DNR A 9 -0.92 -1.30 -4.20
H6 DNR A 9 2.53 -0.64 -3.46
HN3 DNR A 9 -0.58 2.90 -2.37
H41 DNR A 9 1.11 4.36 -2.15
H42 DNR A 9 2.80 3.84 -2.17
H5 DNR A 9 3.42 1.55 -2.89
H2' DNR A 9 1.59 -2.74 -3.18
H2'' DNR A 9 1.21 -2.39 -4.91
H3' DNR A 9 0.27 -4.66 -3.82
P DNR A 26 6.28 9.25 -6.84
OP1 DNR A 26 6.63 10.26 -5.80
OP2 DNR A 26 7.33 8.83 -7.80
O5' DNR A 26 5.71 7.93 -6.09
C5' DNR A 26 5.10 7.99 -4.81
C4' DNR A 26 3.64 8.48 -4.84
O4' DNR A 26 2.82 7.57 -5.58
C1' DNR A 26 1.72 7.14 -4.79
N1 DNR A 26 1.33 5.74 -5.16
C6 DNR A 26 2.30 4.79 -5.40
C2 DNR A 26 -0.02 5.38 -5.23
O2 DNR A 26 -0.94 6.17 -5.04
N3 DNR A 26 -0.34 4.09 -5.52
C4 DNR A 26 0.58 3.17 -5.73
N4 DNR A 26 0.21 1.93 -5.97
C5 DNR A 26 1.98 3.49 -5.66
C2' DNR A 26 2.20 7.29 -3.36
C3' DNR A 26 3.04 8.56 -3.43
O3' DNR A 26 2.22 9.71 -3.31
H5' DNR A 26 5.69 8.66 -4.16
H5'' DNR A 26 5.13 7.00 -4.37
H4' DNR A 26 3.61 9.47 -5.30
H1' DNR A 26 0.88 7.82 -4.94
H6 DNR A 26 3.34 5.11 -5.37
HN3 DNR A 26 -1.33 3.85 -5.59
H41 DNR A 26 -0.80 1.71 -5.99
H42 DNR A 26 0.85 1.24 -6.30
H5 DNR A 26 2.75 2.75 -5.81
H2' DNR A 26 2.84 6.45 -3.06
H2'' DNR A 26 1.37 7.41 -2.65
H3' DNR A 26 3.81 8.54 -2.67
P DNR A 2 -7.37 -1.25 -2.51
OP1 DNR A 2 -8.44 -2.18 -2.11
OP2 DNR A 2 -7.37 0.15 -2.02
O5' DNR A 2 -5.98 -1.86 -2.03
C5' DNR A 2 -5.47 -3.08 -2.53
C4' DNR A 2 -4.09 -3.35 -1.90
O4' DNR A 2 -3.35 -2.13 -1.83
C1' DNR A 2 -3.09 -1.81 -0.46
N1 DNR A 2 -3.23 -0.35 -0.19
C6 DNR A 2 -4.45 0.30 -0.22
C2 DNR A 2 -2.09 0.37 0.24
O2 DNR A 2 -0.97 -0.13 0.28
N3 DNR A 2 -2.24 1.66 0.63
C4 DNR A 2 -3.41 2.27 0.64
N4 DNR A 2 -3.46 3.52 1.05
C5 DNR A 2 -4.59 1.59 0.21
C2' DNR A 2 -4.07 -2.64 0.37
C3' DNR A 2 -4.18 -3.90 -0.47
O3' DNR A 2 -3.08 -4.76 -0.22
H5' DNR A 2 -5.36 -3.02 -3.61
H5'' DNR A 2 -6.15 -3.90 -2.28
H4' DNR A 2 -3.57 -4.06 -2.53
H1' DNR A 2 -2.08 -2.15 -0.23
H6 DNR A 2 -5.32 -0.23 -0.58
HN3 DNR A 2 -1.39 2.14 0.91
H41 DNR A 2 -2.58 4.00 1.27
H42 DNR A 2 -4.32 4.03 1.07
H5 DNR A 2 -5.57 2.05 0.18
H2' DNR A 2 -5.05 -2.18 0.45
H2'' DNR A 2 -3.68 -2.85 1.37
H3' DNR A 2 -5.13 -4.41 -0.30
P DNR A 3 -3.14 -5.92 0.89
OP1 DNR A 3 -2.03 -6.84 0.64
OP2 DNR A 3 -4.53 -6.45 0.94
O5' DNR A 3 -2.85 -5.14 2.28
C5' DNR A 3 -2.51 -5.84 3.46
C4' DNR A 3 -1.19 -5.31 4.04
O4' DNR A 3 -1.32 -3.93 4.39
C1' DNR A 3 -0.90 -3.75 5.73
N1 DNR A 3 -1.52 -2.52 6.30
C6 DNR A 3 -2.88 -2.37 6.39
C2 DNR A 3 -0.69 -1.42 6.57
O2 DNR A 3 0.54 -1.49 6.49
N3 DNR A 3 -1.26 -0.24 6.92
C4 DNR A 3 -2.57 -0.08 7.00
N4 DNR A 3 -3.03 1.12 7.34
C5 DNR A 3 -3.45 -1.17 6.73
C2' DNR A 3 -1.29 -5.06 6.41
C3' DNR A 3 -0.78 -6.03 5.34
O3' DNR A 3 0.63 -6.12 5.37
H5' DNR A 3 -2.39 -6.92 3.26
H5'' DNR A 3 -3.31 -5.71 4.20
H4' DNR A 3 -0.41 -5.45 3.30
H1' DNR A 3 0.19 -3.68 5.76
H6 DNR A 3 -3.52 -3.23 6.17
HN3 DNR A 3 -0.62 0.53 7.12
H41 DNR A 3 -2.37 1.88 7.52
H42 DNR A 3 -4.01 1.27 7.49
H5 DNR A 3 -4.53 -1.09 6.80
H2' DNR A 3 -2.37 -5.17 6.53
H2'' DNR A 3 -0.77 -5.20 7.36
H3' DNR A 3 -1.23 -7.02 5.42
P DNR A 8 6.66 -4.24 3.49
OP1 DNR A 8 6.90 -5.33 2.52
OP2 DNR A 8 7.34 -2.93 3.32
O5' DNR A 8 5.08 -3.97 3.59
C5' DNR A 8 4.17 -5.05 3.78
C4' DNR A 8 2.77 -4.67 3.30
O4' DNR A 8 2.29 -3.54 4.00
C1' DNR A 8 1.54 -2.72 3.12
N1 DNR A 8 1.80 -1.30 3.46
C6 DNR A 8 3.09 -0.84 3.61
C2 DNR A 8 0.72 -0.42 3.60
O2 DNR A 8 -0.44 -0.77 3.47
N3 DNR A 8 0.98 0.89 3.88
C4 DNR A 8 2.21 1.35 4.03
N4 DNR A 8 2.36 2.64 4.28
C5 DNR A 8 3.35 0.48 3.88
C2' DNR A 8 1.98 -3.05 1.69
C3' DNR A 8 2.75 -4.35 1.81
O3' DNR A 8 2.16 -5.40 1.07
H5' DNR A 8 4.14 -5.32 4.84
H5'' DNR A 8 4.50 -5.93 3.21
H4' DNR A 8 2.10 -5.51 3.46
H1' DNR A 8 0.49 -2.96 3.23
H6 DNR A 8 3.91 -1.55 3.51
HN3 DNR A 8 0.18 1.50 3.98
H41 DNR A 8 1.54 3.23 4.40
H42 DNR A 8 3.29 3.04 4.42
H5 DNR A 8 4.37 0.82 3.99
H2' DNR A 8 2.62 -2.27 1.26
H2'' DNR A 8 1.10 -3.19 1.07
H3' DNR A 8 3.77 -4.20 1.47
P DNR A 9 2.52 -5.67 -0.49
OP1 DNR A 9 2.04 -7.02 -0.86
OP2 DNR A 9 3.95 -5.31 -0.72
O5' DNR A 9 1.61 -4.59 -1.24
C5' DNR A 9 0.19 -4.66 -1.25
C4' DNR A 9 -0.43 -3.67 -2.24
O4' DNR A 9 -0.10 -2.30 -1.94
C1' DNR A 9 0.10 -1.66 -3.20
N1 DNR A 9 0.72 -0.31 -3.06
C6 DNR A 9 2.08 -0.09 -3.18
C2 DNR A 9 -0.12 0.79 -2.79
O2 DNR A 9 -1.34 0.69 -2.79
N3 DNR A 9 0.43 1.98 -2.52
C4 DNR A 9 1.75 2.18 -2.52
N4 DNR A 9 2.21 3.39 -2.24
C5 DNR A 9 2.63 1.13 -2.90
C2' DNR A 9 0.92 -2.72 -3.93
C3' DNR A 9 0.01 -3.92 -3.69
O3' DNR A 9 -1.13 -3.82 -4.54
H5' DNR A 9 -0.16 -4.43 -0.24
H5'' DNR A 9 -0.13 -5.67 -1.54
H4' DNR A 9 -1.50 -3.79 -2.18
H1' DNR A 9 -0.87 -1.56 -3.70
H6 DNR A 9 2.74 -0.88 -3.51
HN3 DNR A 9 -0.22 2.74 -2.31
H41 DNR A 9 1.54 4.14 -2.02
H42 DNR A 9 3.19 3.54 -2.14
H5 DNR A 9 3.71 1.26 -2.97
H2' DNR A 9 1.88 -2.90 -3.46
H2'' DNR A 9 1.04 -2.50 -4.99
H3' DNR A 9 0.52 -4.87 -3.80
P DNR A 26 6.71 8.76 -6.94
OP1 DNR A 26 7.34 9.61 -5.89
OP2 DNR A 26 7.52 8.17 -8.04
O5' DNR A 26 5.97 7.56 -6.14
C5' DNR A 26 5.50 7.66 -4.80
C4' DNR A 26 4.12 8.31 -4.68
O4' DNR A 26 3.15 7.53 -5.40
C1' DNR A 26 2.14 7.05 -4.52
N1 DNR A 26 1.74 5.69 -4.96
C6 DNR A 26 2.69 4.72 -5.22
C2 DNR A 26 0.38 5.36 -5.08
O2 DNR A 26 -0.53 6.16 -4.83
N3 DNR A 26 0.03 4.11 -5.48
C4 DNR A 26 0.94 3.18 -5.74
N4 DNR A 26 0.54 1.98 -6.10
C5 DNR A 26 2.34 3.45 -5.57
C2' DNR A 26 2.77 7.11 -3.13
C3' DNR A 26 3.65 8.36 -3.23
O3' DNR A 26 2.90 9.54 -2.99
H5' DNR A 26 6.21 8.23 -4.21
H5'' DNR A 26 5.46 6.66 -4.35
H4' DNR A 26 4.18 9.33 -5.09
H1' DNR A 26 1.29 7.73 -4.53
H6 DNR A 26 3.73 5.00 -5.14
HN3 DNR A 26 -0.96 3.91 -5.59
H41 DNR A 26 -0.46 1.78 -6.18
H42 DNR A 26 1.21 1.29 -6.42
H5 DNR A 26 3.10 2.68 -5.72
H2' DNR A 26 3.39 6.25 -2.92
H2'' DNR A 26 2.02 7.23 -2.34
H3' DNR A 26 4.50 8.30 -2.55
P DNR A 2 -6.32 -1.73 -2.85
OP1 DNR A 2 -7.46 -2.66 -2.70
OP2 DNR A 2 -6.52 -0.28 -2.64
O5' DNR A 2 -5.16 -2.20 -1.86
C5' DNR A 2 -4.69 -3.54 -1.81
C4' DNR A 2 -3.52 -3.64 -0.84
O4' DNR A 2 -2.57 -2.65 -1.18
C1' DNR A 2 -1.95 -2.13 -0.02
N1 DNR A 2 -2.18 -0.66 0.04
C6 DNR A 2 -3.43 -0.10 -0.07
C2 DNR A 2 -1.09 0.17 0.30
O2 DNR A 2 0.07 -0.26 0.34
N3 DNR A 2 -1.30 1.48 0.54
C4 DNR A 2 -2.52 2.03 0.51
N4 DNR A 2 -2.63 3.31 0.78
C5 DNR A 2 -3.65 1.23 0.17
C2' DNR A 2 -2.53 -2.89 1.15
C3' DNR A 2 -3.86 -3.42 0.63
O3' DNR A 2 -4.21 -4.64 1.25
H5' DNR A 2 -4.35 -3.85 -2.80
H5'' DNR A 2 -5.51 -4.19 -1.48
H4' DNR A 2 -3.06 -4.63 -0.93
H1' DNR A 2 -0.87 -2.32 -0.07
H6 DNR A 2 -4.27 -0.73 -0.36
HN3 DNR A 2 -0.48 2.03 0.77
H41 DNR A 2 -1.77 3.84 0.98
H42 DNR A 2 -3.52 3.76 0.76
H5 DNR A 2 -4.66 1.63 0.09
H2' DNR A 2 -2.67 -2.28 2.05
H2'' DNR A 2 -1.87 -3.72 1.39
H3' DNR A 2 -4.67 -2.69 0.75
P DNR A 3 -4.62 -4.69 2.81
OP1 DNR A 3 -5.40 -5.92 3.08
OP2 DNR A 3 -5.15 -3.37 3.17
O5' DNR A 3 -3.20 -4.84 3.55
C5' DNR A 3 -2.26 -5.85 3.22
C4' DNR A 3 -0.90 -5.55 3.88
O4' DNR A 3 -0.78 -4.14 4.13
C1' DNR A 3 -0.77 -3.88 5.52
N1 DNR A 3 -1.50 -2.63 5.88
C6 DNR A 3 -2.87 -2.50 5.74
C2 DNR A 3 -0.76 -1.53 6.33
O2 DNR A 3 0.46 -1.57 6.47
N3 DNR A 3 -1.41 -0.37 6.60
C4 DNR A 3 -2.72 -0.22 6.45
N4 DNR A 3 -3.28 0.94 6.73
C5 DNR A 3 -3.52 -1.32 6.01
C2' DNR A 3 -1.31 -5.16 6.17
C3' DNR A 3 -0.72 -6.20 5.26
O3' DNR A 3 0.69 -6.35 5.45
H5' DNR A 3 -2.10 -5.87 2.13
H5'' DNR A 3 -2.64 -6.82 3.53
H4' DNR A 3 -0.10 -5.89 3.22
H1' DNR A 3 0.28 -3.81 5.83
H6 DNR A 3 -3.45 -3.35 5.40
HN3 DNR A 3 -0.84 0.42 6.92
H41 DNR A 3 -2.68 1.74 6.98
H42 DNR A 3 -4.28 1.05 6.68
H5 DNR A 3 -4.60 -1.27 5.88
H2' DNR A 3 -2.40 -5.21 6.14
H2'' DNR A 3 -0.95 -5.27 7.19
H3' DNR A 3 -1.22 -7.17 5.32
P DNR A 8 6.57 -3.67 4.08
OP1 DNR A 8 7.19 -4.59 3.10
OP2 DNR A 8 6.90 -2.23 4.07
O5' DNR A 8 4.98 -3.77 3.93
C5' DNR A 8 4.29 -5.00 4.06
C4' DNR A 8 2.85 -4.86 3.52
O4' DNR A 8 2.23 -3.72 4.12
C1' DNR A 8 1.84 -2.80 3.10
N1 DNR A 8 2.04 -1.40 3.58
C6 DNR A 8 3.29 -0.96 3.97
C2 DNR A 8 0.95 -0.52 3.61
O2 DNR A 8 -0.20 -0.86 3.35
N3 DNR A 8 1.17 0.77 3.96
C4 DNR A 8 2.36 1.22 4.32
N4 DNR A 8 2.46 2.50 4.65
C5 DNR A 8 3.50 0.34 4.35
C2' DNR A 8 2.69 -3.15 1.87
C3' DNR A 8 2.79 -4.66 2.00
O3' DNR A 8 1.61 -5.29 1.48
H5' DNR A 8 4.26 -5.28 5.11
H5'' DNR A 8 4.81 -5.77 3.50
H4' DNR A 8 2.32 -5.77 3.78
H1' DNR A 8 0.80 -2.99 2.85
H6 DNR A 8 4.11 -1.67 3.98
HN3 DNR A 8 0.36 1.39 3.96
H41 DNR A 8 1.60 3.08 4.64
H42 DNR A 8 3.33 2.90 4.93
H5 DNR A 8 4.49 0.64 4.64
H2' DNR A 8 3.68 -2.71 1.92
H2'' DNR A 8 2.19 -2.87 0.95
H3' DNR A 8 3.69 -5.03 1.52
P DNR A 9 1.65 -6.14 0.11
OP1 DNR A 9 0.48 -7.04 0.08
OP2 DNR A 9 3.01 -6.69 -0.06
O5' DNR A 9 1.43 -5.01 -1.04
C5' DNR A 9 0.11 -4.69 -1.47
C4' DNR A 9 0.06 -3.64 -2.59
O4' DNR A 9 0.54 -2.36 -2.20
C1' DNR A 9 1.09 -1.78 -3.37
N1 DNR A 9 1.78 -0.50 -3.03
C6 DNR A 9 3.14 -0.35 -2.98
C2 DNR A 9 0.95 0.58 -2.73
O2 DNR A 9 -0.28 0.53 -2.79
N3 DNR A 9 1.52 1.75 -2.35
C4 DNR A 9 2.83 1.90 -2.24
N4 DNR A 9 3.29 3.06 -1.84
C5 DNR A 9 3.72 0.83 -2.58
C2' DNR A 9 1.93 -2.95 -3.90
C3' DNR A 9 0.84 -4.03 -3.86
O3' DNR A 9 0.06 -3.88 -5.03
H5' DNR A 9 -0.46 -4.35 -0.61
H5'' DNR A 9 -0.37 -5.60 -1.84
H4' DNR A 9 -1.00 -3.51 -2.87
H1' DNR A 9 0.29 -1.58 -4.09
H6 DNR A 9 3.80 -1.17 -3.25
HN3 DNR A 9 0.88 2.52 -2.14
H41 DNR A 9 2.62 3.82 -1.64
H42 DNR A 9 4.27 3.20 -1.64
H5 DNR A 9 4.79 0.92 -2.54
H2' DNR A 9 2.73 -3.23 -3.21
H2'' DNR A 9 2.29 -2.80 -4.91
H3' DNR A 9 1.26 -5.03 -3.79
P DNR A 26 7.98 9.31 -6.18
OP1 DNR A 26 8.52 10.40 -5.33
OP2 DNR A 26 8.91 8.31 -6.74
O5' DNR A 26 6.81 8.56 -5.37
C5' DNR A 26 5.75 9.30 -4.75
C4' DNR A 26 4.73 8.44 -4.02
O4' DNR A 26 4.24 7.36 -4.81
C1' DNR A 26 3.46 6.56 -3.94
N1 DNR A 26 3.21 5.21 -4.55
C6 DNR A 26 4.22 4.32 -4.80
C2 DNR A 26 1.88 4.83 -4.84
O2 DNR A 26 0.92 5.59 -4.68
N3 DNR A 26 1.64 3.58 -5.30
C4 DNR A 26 2.61 2.70 -5.47
N4 DNR A 26 2.28 1.48 -5.89
C5 DNR A 26 3.97 3.04 -5.20
C2' DNR A 26 4.24 6.58 -2.61
C3' DNR A 26 5.23 7.74 -2.76
O3' DNR A 26 5.19 8.65 -1.67
H5' DNR A 26 5.24 9.88 -5.52
H5'' DNR A 26 6.19 10.01 -4.04
H4' DNR A 26 3.89 9.07 -3.74
H1' DNR A 26 2.51 7.07 -3.79
H6 DNR A 26 5.24 4.67 -4.67
HN3 DNR A 26 0.67 3.34 -5.52
H41 DNR A 26 1.28 1.24 -6.03
H42 DNR A 26 2.98 0.82 -6.17
H5 DNR A 26 4.77 2.32 -5.31
H2' DNR A 26 4.80 5.66 -2.44
H2'' DNR A 26 3.56 6.76 -1.78
H3' DNR A 26 6.25 7.36 -2.92
P DNR A 2 -6.58 -0.60 -2.39
OP1 DNR A 2 -7.59 -1.68 -2.42
OP2 DNR A 2 -6.95 0.80 -2.03
O5' DNR A 2 -5.38 -1.08 -1.45
C5' DNR A 2 -4.86 -2.41 -1.57
C4' DNR A 2 -3.61 -2.70 -0.74
O4' DNR A 2 -2.59 -1.76 -1.08
C1' DNR A 2 -1.82 -1.43 0.07
N1 DNR A 2 -1.91 0.03 0.35
C6 DNR A 2 -3.12 0.71 0.36
C2 DNR A 2 -0.75 0.72 0.71
O2 DNR A 2 0.36 0.19 0.71
N3 DNR A 2 -0.83 2.02 1.09
C4 DNR A 2 -2.00 2.66 1.13
N4 DNR A 2 -1.97 3.92 1.54
C5 DNR A 2 -3.21 2.02 0.74
C2' DNR A 2 -2.40 -2.28 1.21
C3' DNR A 2 -3.83 -2.61 0.76
O3' DNR A 2 -4.30 -3.84 1.30
H5' DNR A 2 -4.64 -2.63 -2.62
H5'' DNR A 2 -5.62 -3.11 -1.25
H4' DNR A 2 -3.23 -3.69 -0.99
H1' DNR A 2 -0.77 -1.70 -0.10
H6 DNR A 2 -4.00 0.16 0.05
HN3 DNR A 2 0.03 2.48 1.35
H41 DNR A 2 -1.06 4.35 1.75
H42 DNR A 2 -2.80 4.50 1.58
H5 DNR A 2 -4.18 2.50 0.75
H2' DNR A 2 -2.40 -1.76 2.16
H2'' DNR A 2 -1.81 -3.19 1.29
H3' DNR A 2 -4.50 -1.80 0.99
P DNR A 3 -4.67 -4.03 2.86
OP1 DNR A 3 -5.48 -5.25 3.03
OP2 DNR A 3 -5.12 -2.74 3.40
O5' DNR A 3 -3.25 -4.32 3.54
C5' DNR A 3 -2.40 -5.37 3.12
C4' DNR A 3 -1.07 -5.33 3.91
O4' DNR A 3 -0.82 -3.98 4.36
C1' DNR A 3 -0.93 -3.89 5.77
N1 DNR A 3 -1.60 -2.60 6.19
C6 DNR A 3 -2.96 -2.42 6.07
C2 DNR A 3 -0.80 -1.54 6.64
O2 DNR A 3 0.42 -1.62 6.73
N3 DNR A 3 -1.40 -0.36 6.97
C4 DNR A 3 -2.71 -0.17 6.87
N4 DNR A 3 -3.21 1.00 7.24
C5 DNR A 3 -3.55 -1.22 6.39
C2' DNR A 3 -1.61 -5.18 6.21
C3' DNR A 3 -1.03 -6.16 5.20
O3' DNR A 3 0.32 -6.50 5.48
H5' DNR A 3 -2.17 -5.26 2.05
H5'' DNR A 3 -2.90 -6.34 3.25
H4' DNR A 3 -0.29 -5.68 3.25
H1' DNR A 3 0.10 -3.92 6.18
H6 DNR A 3 -3.57 -3.22 5.68
HN3 DNR A 3 -0.81 0.38 7.33
H41 DNR A 3 -2.58 1.77 7.50
H42 DNR A 3 -4.20 1.16 7.30
H5 DNR A 3 -4.62 -1.10 6.24
H2' DNR A 3 -2.70 -5.15 6.12
H2'' DNR A 3 -1.33 -5.45 7.22
H3' DNR A 3 -1.64 -7.05 5.12
P DNR A 8 6.39 -3.93 4.06
OP1 DNR A 8 6.95 -4.75 2.96
OP2 DNR A 8 6.79 -2.52 4.23
O5' DNR A 8 4.80 -3.92 3.93
C5' DNR A 8 4.05 -5.12 3.93
C4' DNR A 8 2.61 -4.83 3.47
O4' DNR A 8 2.10 -3.70 4.19
C1' DNR A 8 1.73 -2.68 3.26
N1 DNR A 8 1.99 -1.32 3.83
C6 DNR A 8 3.26 -0.94 4.23
C2 DNR A 8 0.94 -0.41 3.91
O2 DNR A 8 -0.22 -0.70 3.62
N3 DNR A 8 1.20 0.85 4.34
C4 DNR A 8 2.41 1.24 4.71
N4 DNR A 8 2.56 2.50 5.09
C5 DNR A 8 3.51 0.33 4.68
C2' DNR A 8 2.55 -2.95 1.99
C3' DNR A 8 2.50 -4.47 1.98
O3' DNR A 8 1.24 -4.86 1.48
H5' DNR A 8 4.05 -5.54 4.93
H5'' DNR A 8 4.50 -5.85 3.26
H4' DNR A 8 2.01 -5.73 3.67
H1' DNR A 8 0.67 -2.80 3.00
H6 DNR A 8 4.04 -1.68 4.19
HN3 DNR A 8 0.41 1.49 4.40
H41 DNR A 8 1.72 3.09 5.10
H42 DNR A 8 3.42 2.87 5.42
H5 DNR A 8 4.50 0.58 4.99
H2' DNR A 8 3.57 -2.61 2.08
H2'' DNR A 8 2.07 -2.55 1.10
H3' DNR A 8 3.33 -4.89 1.41
P DNR A 9 1.10 -5.70 0.12
OP1 DNR A 9 -0.23 -6.36 0.19
OP2 DNR A 9 2.32 -6.52 -0.03
O5' DNR A 9 1.07 -4.58 -1.06
C5' DNR A 9 -0.16 -4.17 -1.62
C4' DNR A 9 -0.03 -3.06 -2.69
O4' DNR A 9 0.49 -1.84 -2.14
C1' DNR A 9 1.22 -1.22 -3.19
N1 DNR A 9 1.95 -0.01 -2.73
C6 DNR A 9 3.33 0.05 -2.67
C2 DNR A 9 1.20 1.13 -2.37
O2 DNR A 9 -0.03 1.17 -2.47
N3 DNR A 9 1.85 2.23 -1.93
C4 DNR A 9 3.16 2.29 -1.83
N4 DNR A 9 3.72 3.40 -1.40
C5 DNR A 9 3.97 1.17 -2.23
C2' DNR A 9 2.04 -2.42 -3.67
C3' DNR A 9 0.89 -3.40 -3.86
O3' DNR A 9 0.25 -3.03 -5.07
H5' DNR A 9 -0.80 -3.80 -0.83
H5'' DNR A 9 -0.66 -5.02 -2.09
H4' DNR A 9 -1.02 -2.88 -3.10
H1' DNR A 9 0.52 -0.93 -3.97
H6 DNR A 9 3.91 -0.79 -3.00
HN3 DNR A 9 1.27 3.04 -1.69
H41 DNR A 9 3.11 4.19 -1.15
H42 DNR A 9 4.72 3.47 -1.25
H5 DNR A 9 5.05 1.19 -2.20
H2' DNR A 9 2.71 -2.81 -2.91
H2'' DNR A 9 2.55 -2.25 -4.62
H3' DNR A 9 1.22 -4.44 -3.87
P DNR A 26 7.07 10.25 -6.60
OP1 DNR A 26 7.85 11.29 -5.92
OP2 DNR A 26 7.74 9.05 -7.16
O5' DNR A 26 5.87 9.79 -5.63
C5' DNR A 26 6.13 9.31 -4.33
C4' DNR A 26 4.83 8.86 -3.66
O4' DNR A 26 4.24 7.80 -4.40
C1' DNR A 26 3.56 6.99 -3.48
N1 DNR A 26 3.12 5.71 -4.12
C6 DNR A 26 4.01 4.72 -4.50
C2 DNR A 26 1.75 5.50 -4.32
O2 DNR A 26 0.91 6.35 -4.04
N3 DNR A 26 1.33 4.33 -4.83
C4 DNR A 26 2.17 3.36 -5.16
N4 DNR A 26 1.68 2.23 -5.64
C5 DNR A 26 3.58 3.52 -4.98
C2' DNR A 26 4.58 6.88 -2.35
C3' DNR A 26 4.99 8.34 -2.22
O3' DNR A 26 4.07 9.00 -1.35
H5' DNR A 26 6.59 10.11 -3.75
H5'' DNR A 26 6.82 8.47 -4.38
H4' DNR A 26 4.15 9.71 -3.62
H1' DNR A 26 2.69 7.54 -3.11
H6 DNR A 26 5.07 4.92 -4.40
HN3 DNR A 26 0.33 4.22 -4.95
H41 DNR A 26 0.66 2.18 -5.79
H42 DNR A 26 2.27 1.51 -6.00
H5 DNR A 26 4.28 2.73 -5.21
H2' DNR A 26 5.45 6.29 -2.65
H2'' DNR A 26 4.16 6.50 -1.43
H3' DNR A 26 6.01 8.42 -1.85
P DNR A 2 -9.15 -0.13 -3.05
OP1 DNR A 2 -10.11 -1.24 -2.94
OP2 DNR A 2 -9.51 1.25 -2.61
O5' DNR A 2 -7.83 -0.53 -2.26
C5' DNR A 2 -7.13 -1.74 -2.51
C4' DNR A 2 -5.98 -1.94 -1.50
O4' DNR A 2 -5.30 -0.70 -1.33
C1' DNR A 2 -5.43 -0.29 0.02
N1 DNR A 2 -5.47 1.19 0.19
C6 DNR A 2 -6.66 1.91 0.16
C2 DNR A 2 -4.27 1.85 0.51
O2 DNR A 2 -3.18 1.28 0.49
N3 DNR A 2 -4.32 3.14 0.89
C4 DNR A 2 -5.45 3.82 0.97
N4 DNR A 2 -5.41 5.08 1.37
C5 DNR A 2 -6.69 3.21 0.59
C2' DNR A 2 -6.65 -1.04 0.58
C3' DNR A 2 -6.45 -2.38 -0.10
O3' DNR A 2 -5.44 -3.08 0.59
H5' DNR A 2 -6.72 -1.73 -3.52
H5'' DNR A 2 -7.82 -2.59 -2.43
H4' DNR A 2 -5.31 -2.70 -1.90
H1' DNR A 2 -4.56 -0.69 0.56
H6 DNR A 2 -7.56 1.43 -0.21
HN3 DNR A 2 -3.43 3.60 1.10
H41 DNR A 2 -4.49 5.52 1.56
H42 DNR A 2 -6.24 5.64 1.41
H5 DNR A 2 -7.63 3.74 0.58
H2' DNR A 2 -7.61 -0.62 0.27
H2'' DNR A 2 -6.61 -1.14 1.67
H3' DNR A 2 -7.37 -2.97 -0.16
P DNR A 3 -5.79 -4.16 1.73
OP1 DNR A 3 -6.22 -5.40 1.06
OP2 DNR A 3 -6.66 -3.51 2.74
O5' DNR A 3 -4.36 -4.39 2.42
C5' DNR A 3 -3.24 -4.84 1.66
C4' DNR A 3 -1.98 -4.91 2.52
O4' DNR A 3 -1.75 -3.64 3.16
C1' DNR A 3 -1.67 -3.85 4.56
N1 DNR A 3 -2.08 -2.62 5.32
C6 DNR A 3 -3.41 -2.30 5.53
C2 DNR A 3 -1.08 -1.74 5.77
O2 DNR A 3 0.11 -1.98 5.64
N3 DNR A 3 -1.44 -0.58 6.36
C4 DNR A 3 -2.71 -0.23 6.54
N4 DNR A 3 -2.96 0.94 7.10
C5 DNR A 3 -3.76 -1.12 6.13
C2' DNR A 3 -2.49 -5.11 4.82
C3' DNR A 3 -2.04 -5.95 3.63
O3' DNR A 3 -0.74 -6.51 3.80
H5' DNR A 3 -3.07 -4.13 0.84
H5'' DNR A 3 -3.45 -5.82 1.23
H4' DNR A 3 -1.14 -5.14 1.87
H1' DNR A 3 -0.63 -4.08 4.81
H6 DNR A 3 -4.18 -2.98 5.20
HN3 DNR A 3 -0.69 0.04 6.64
H41 DNR A 3 -2.16 1.57 7.28
H42 DNR A 3 -3.90 1.23 7.31
H5 DNR A 3 -4.81 -0.90 6.29
H2' DNR A 3 -3.56 -4.93 4.74
H2'' DNR A 3 -2.25 -5.56 5.77
H3' DNR A 3 -2.77 -6.74 3.42
P DNR A 8 5.78 -5.35 2.05
OP1 DNR A 8 6.08 -6.39 1.07
OP2 DNR A 8 6.34 -3.99 1.86
O5' DNR A 8 4.17 -5.21 2.12
C5' DNR A 8 3.52 -4.18 2.84
C4' DNR A 8 2.05 -4.04 2.40
O4' DNR A 8 1.50 -2.98 3.15
C1' DNR A 8 0.97 -1.99 2.28
N1 DNR A 8 1.15 -0.64 2.88
C6 DNR A 8 2.41 -0.15 3.16
C2 DNR A 8 0.02 0.17 3.11
O2 DNR A 8 -1.12 -0.22 2.92
N3 DNR A 8 0.23 1.46 3.53
C4 DNR A 8 1.44 1.94 3.75
N4 DNR A 8 1.54 3.21 4.13
C5 DNR A 8 2.60 1.13 3.58
C2' DNR A 8 1.74 -2.17 0.96
C3' DNR A 8 1.94 -3.68 0.91
O3' DNR A 8 0.81 -4.34 0.36
H5' DNR A 8 4.01 -3.23 2.66
H5'' DNR A 8 3.51 -4.42 3.91
H4' DNR A 8 1.51 -4.98 2.58
H1' DNR A 8 -0.08 -2.21 2.10
H6 DNR A 8 3.26 -0.81 3.04
HN3 DNR A 8 -0.60 2.03 3.67
H41 DNR A 8 0.69 3.78 4.26
H42 DNR A 8 2.43 3.63 4.34
H5 DNR A 8 3.60 1.50 3.77
H2' DNR A 8 2.72 -1.69 0.97
H2'' DNR A 8 1.16 -1.81 0.11
H3' DNR A 8 2.84 -3.95 0.37
P DNR A 9 0.68 -4.61 -1.22
OP1 DNR A 9 -0.09 -5.87 -1.35
OP2 DNR A 9 2.03 -4.53 -1.82
O5' DNR A 9 -0.18 -3.32 -1.70
C5' DNR A 9 -1.51 -3.13 -1.26
C4' DNR A 9 -2.26 -2.01 -1.99
O4' DNR A 9 -1.82 -0.70 -1.66
C1' DNR A 9 -2.21 0.11 -2.76
N1 DNR A 9 -1.60 1.47 -2.66
C6 DNR A 9 -0.24 1.63 -2.64
C2 DNR A 9 -2.44 2.58 -2.49
O2 DNR A 9 -3.67 2.50 -2.47
N3 DNR A 9 -1.88 3.80 -2.31
C4 DNR A 9 -0.57 3.97 -2.26
N4 DNR A 9 -0.11 5.18 -2.02
C5 DNR A 9 0.33 2.86 -2.44
C2' DNR A 9 -1.73 -0.72 -3.95
C3' DNR A 9 -2.25 -2.10 -3.52
O3' DNR A 9 -3.56 -2.27 -4.03
H5' DNR A 9 -1.51 -2.90 -0.19
H5'' DNR A 9 -2.06 -4.06 -1.41
H4' DNR A 9 -3.29 -2.08 -1.68
H1' DNR A 9 -3.30 0.18 -2.79
H6 DNR A 9 0.39 0.76 -2.77
HN3 DNR A 9 -2.51 4.59 -2.16
H41 DNR A 9 -0.78 5.94 -1.84
H42 DNR A 9 0.87 5.35 -1.82
H5 DNR A 9 1.41 2.96 -2.43
H2' DNR A 9 -0.65 -0.76 -4.02
H2'' DNR A 9 -2.18 -0.40 -4.89
H3' DNR A 9 -1.58 -2.90 -3.86
P DNR A 26 6.05 10.53 -6.18
OP1 DNR A 26 6.14 11.11 -4.83
OP2 DNR A 26 7.20 10.62 -7.11
O5' DNR A 26 5.67 8.97 -6.05
C5' DNR A 26 5.21 8.38 -4.83
C4' DNR A 26 3.73 8.67 -4.55
O4' DNR A 26 2.89 7.97 -5.43
C1' DNR A 26 1.60 7.79 -4.84
N1 DNR A 26 1.08 6.41 -5.10
C6 DNR A 26 1.93 5.33 -5.23
C2 DNR A 26 -0.31 6.20 -5.14
O2 DNR A 26 -1.13 7.09 -4.94
N3 DNR A 26 -0.78 4.95 -5.38
C4 DNR A 26 0.04 3.92 -5.55
N4 DNR A 26 -0.47 2.72 -5.77
C5 DNR A 26 1.45 4.07 -5.44
C2' DNR A 26 1.79 8.13 -3.35
C3' DNR A 26 3.31 8.11 -3.20
O3' DNR A 26 3.78 8.93 -2.17
H5' DNR A 26 5.82 8.78 -4.00
H5'' DNR A 26 5.35 7.30 -4.91
H4' DNR A 26 3.51 9.75 -4.59
H1' DNR A 26 0.92 8.52 -5.30
H6 DNR A 26 3.00 5.51 -5.18
HN3 DNR A 26 -1.78 4.84 -5.44
H41 DNR A 26 -1.50 2.59 -5.79
H42 DNR A 26 0.12 1.93 -5.98
H5 DNR A 26 2.14 3.23 -5.53
H2' DNR A 26 1.31 7.44 -2.67
H2'' DNR A 26 1.42 9.15 -3.14
H3' DNR A 26 3.65 7.09 -3.14
P DNR A 2 -7.83 -0.83 -2.90
OP1 DNR A 2 -8.88 -1.82 -2.56
OP2 DNR A 2 -7.83 0.52 -2.28
O5' DNR A 2 -6.43 -1.47 -2.51
C5' DNR A 2 -5.91 -2.62 -3.13
C4' DNR A 2 -4.56 -2.98 -2.48
O4' DNR A 2 -3.78 -1.80 -2.26
C1' DNR A 2 -3.57 -1.60 -0.87
N1 DNR A 2 -3.74 -0.15 -0.49
C6 DNR A 2 -4.97 0.48 -0.46
C2 DNR A 2 -2.61 0.56 -0.05
O2 DNR A 2 -1.48 0.09 -0.07
N3 DNR A 2 -2.77 1.82 0.42
C4 DNR A 2 -3.96 2.40 0.50
N4 DNR A 2 -4.03 3.62 0.99
C5 DNR A 2 -5.14 1.73 0.04
C2' DNR A 2 -4.56 -2.50 -0.13
C3' DNR A 2 -4.73 -3.65 -1.11
O3' DNR A 2 -3.74 -4.65 -0.95
H5' DNR A 2 -5.75 -2.42 -4.18
H5'' DNR A 2 -6.61 -3.46 -3.03
H4' DNR A 2 -4.04 -3.67 -3.14
H1' DNR A 2 -2.56 -1.94 -0.64
H6 DNR A 2 -5.83 -0.05 -0.84
HN3 DNR A 2 -1.93 2.31 0.72
H41 DNR A 2 -3.15 4.10 1.25
H42 DNR A 2 -4.90 4.11 1.06
H5 DNR A 2 -6.11 2.17 0.04
H2' DNR A 2 -5.53 -2.04 0.02
H2'' DNR A 2 -4.16 -2.84 0.82
H3' DNR A 2 -5.72 -4.10 -1.01
P DNR A 3 -3.81 -5.71 0.26
OP1 DNR A 3 -3.31 -7.01 -0.27
OP2 DNR A 3 -5.13 -5.64 0.90
O5' DNR A 3 -2.72 -5.17 1.33
C5' DNR A 3 -2.40 -5.93 2.49
C4' DNR A 3 -1.14 -5.36 3.13
O4' DNR A 3 -1.33 -4.03 3.62
C1' DNR A 3 -0.82 -3.95 4.94
N1 DNR A 3 -1.44 -2.81 5.67
C6 DNR A 3 -2.82 -2.75 5.85
C2 DNR A 3 -0.66 -1.70 5.98
O2 DNR A 3 0.56 -1.70 5.84
N3 DNR A 3 -1.25 -0.58 6.43
C4 DNR A 3 -2.57 -0.49 6.58
N4 DNR A 3 -3.07 0.64 7.03
C5 DNR A 3 -3.41 -1.61 6.29
C2' DNR A 3 -1.13 -5.34 5.52
C3' DNR A 3 -0.66 -6.18 4.33
O3' DNR A 3 0.75 -6.25 4.28
H5' DNR A 3 -2.22 -6.96 2.20
H5'' DNR A 3 -3.24 -5.86 3.19
H4' DNR A 3 -0.35 -5.35 2.38
H1' DNR A 3 0.26 -3.83 4.89
H6 DNR A 3 -3.43 -3.62 5.61
HN3 DNR A 3 -0.66 0.21 6.66
H41 DNR A 3 -2.43 1.43 7.23
H42 DNR A 3 -4.04 0.72 7.28
H5 DNR A 3 -4.50 -1.59 6.43
H2' DNR A 3 -2.19 -5.49 5.70
H2'' DNR A 3 -0.54 -5.53 6.41
H3' DNR A 3 -1.10 -7.18 4.35
P DNR A 8 6.48 -3.78 2.16
OP1 DNR A 8 6.64 -4.73 1.04
OP2 DNR A 8 7.02 -2.41 2.03
O5' DNR A 8 4.92 -3.64 2.49
C5' DNR A 8 4.11 -4.80 2.68
C4' DNR A 8 2.67 -4.43 2.31
O4' DNR A 8 2.16 -3.37 3.11
C1' DNR A 8 1.34 -2.52 2.32
N1 DNR A 8 1.50 -1.13 2.81
C6 DNR A 8 2.76 -0.59 2.99
C2 DNR A 8 0.36 -0.35 3.07
O2 DNR A 8 -0.79 -0.80 2.96
N3 DNR A 8 0.52 0.92 3.47
C4 DNR A 8 1.72 1.47 3.61
N4 DNR A 8 1.78 2.73 3.99
C5 DNR A 8 2.92 0.71 3.37
C2' DNR A 8 1.82 -2.66 0.87
C3' DNR A 8 2.58 -3.98 0.85
O3' DNR A 8 1.89 -4.95 0.10
H5' DNR A 8 4.18 -5.12 3.71
H5'' DNR A 8 4.44 -5.61 2.02
H4' DNR A 8 2.05 -5.32 2.45
H1' DNR A 8 0.30 -2.85 2.39
H6 DNR A 8 3.62 -1.23 2.82
HN3 DNR A 8 -0.32 1.47 3.64
H41 DNR A 8 0.90 3.24 4.17
H42 DNR A 8 2.66 3.19 4.16
H5 DNR A 8 3.91 1.12 3.50
H2' DNR A 8 2.49 -1.85 0.57
H2'' DNR A 8 0.95 -2.69 0.20
H3' DNR A 8 3.58 -3.82 0.44
P DNR A 9 2.21 -5.21 -1.44
OP1 DNR A 9 1.71 -6.58 -1.74
OP2 DNR A 9 3.63 -4.86 -1.72
O5' DNR A 9 1.27 -4.12 -2.19
C5' DNR A 9 -0.14 -4.20 -2.10
C4' DNR A 9 -0.86 -3.16 -2.95
O4' DNR A 9 -0.57 -1.81 -2.55
C1' DNR A 9 -0.45 -1.05 -3.75
N1 DNR A 9 0.15 0.30 -3.52
C6 DNR A 9 1.50 0.56 -3.69
C2 DNR A 9 -0.68 1.34 -3.08
O2 DNR A 9 -1.91 1.24 -3.03
N3 DNR A 9 -0.12 2.52 -2.71
C4 DNR A 9 1.19 2.73 -2.76
N4 DNR A 9 1.65 3.88 -2.34
C5 DNR A 9 2.06 1.73 -3.30
C2' DNR A 9 0.35 -2.02 -4.62
C3' DNR A 9 -0.52 -3.25 -4.44
O3' DNR A 9 -1.71 -3.10 -5.21
H5' DNR A 9 -0.44 -4.06 -1.05
H5'' DNR A 9 -0.47 -5.20 -2.42
H4' DNR A 9 -1.93 -3.34 -2.85
H1' DNR A 9 -1.45 -0.93 -4.19
H6 DNR A 9 2.14 -0.19 -4.13
HN3 DNR A 9 -0.75 3.24 -2.37
H41 DNR A 9 0.99 4.58 -1.98
H42 DNR A 9 2.65 4.06 -2.29
H5 DNR A 9 3.13 1.88 -3.41
H2' DNR A 9 1.33 -2.23 -4.21
H2'' DNR A 9 0.42 -1.70 -5.66
H3' DNR A 9 0.00 -4.19 -4.68
P DNR A 26 6.17 9.74 -5.82
OP1 DNR A 26 6.37 10.66 -4.66
OP2 DNR A 26 7.29 9.46 -6.75
O5' DNR A 26 5.59 8.33 -5.27
C5' DNR A 26 4.99 8.20 -3.98
C4' DNR A 26 3.61 8.87 -3.90
O4' DNR A 26 2.69 8.26 -4.80
C1' DNR A 26 1.60 7.69 -4.09
N1 DNR A 26 1.19 6.42 -4.75
C6 DNR A 26 2.15 5.50 -5.16
C2 DNR A 26 -0.16 6.09 -4.89
O2 DNR A 26 -1.06 6.86 -4.55
N3 DNR A 26 -0.50 4.89 -5.41
C4 DNR A 26 0.41 4.00 -5.78
N4 DNR A 26 0.00 2.83 -6.23
C5 DNR A 26 1.80 4.27 -5.64
C2' DNR A 26 2.11 7.50 -2.66
C3' DNR A 26 3.02 8.70 -2.49
O3' DNR A 26 2.29 9.86 -2.14
H5' DNR A 26 5.65 8.64 -3.24
H5'' DNR A 26 4.88 7.14 -3.75
H4' DNR A 26 3.72 9.93 -4.12
H1' DNR A 26 0.77 8.39 -4.07
H6 DNR A 26 3.20 5.78 -5.08
HN3 DNR A 26 -1.50 4.69 -5.51
H41 DNR A 26 -1.01 2.65 -6.31
H42 DNR A 26 0.65 2.19 -6.64
H5 DNR A 26 2.56 3.54 -5.92
H2' DNR A 26 2.68 6.58 -2.56
H2'' DNR A 26 1.29 7.53 -1.93
H3' DNR A 26 3.80 8.49 -1.76
P DNR A 2 -8.65 0.18 -2.24
OP1 DNR A 2 -9.71 -0.76 -1.83
OP2 DNR A 2 -8.51 1.50 -1.58
O5' DNR A 2 -7.25 -0.55 -2.03
C5' DNR A 2 -6.91 -1.76 -2.67
C4' DNR A 2 -5.57 -2.27 -2.12
O4' DNR A 2 -4.64 -1.18 -2.00
C1' DNR A 2 -4.30 -0.98 -0.63
N1 DNR A 2 -4.26 0.48 -0.27
C6 DNR A 2 -5.41 1.23 -0.12
C2 DNR A 2 -3.01 1.04 0.07
O2 DNR A 2 -1.95 0.47 -0.09
N3 DNR A 2 -3.00 2.30 0.61
C4 DNR A 2 -4.10 2.99 0.84
N4 DNR A 2 -3.99 4.19 1.38
C5 DNR A 2 -5.38 2.47 0.46
C2' DNR A 2 -5.30 -1.77 0.22
C3' DNR A 2 -5.70 -2.91 -0.72
O3' DNR A 2 -4.85 -4.02 -0.61
H5' DNR A 2 -6.82 -1.60 -3.74
H5'' DNR A 2 -7.69 -2.50 -2.51
H4' DNR A 2 -5.18 -3.01 -2.81
H1' DNR A 2 -3.32 -1.43 -0.48
H6 DNR A 2 -6.35 0.83 -0.46
HN3 DNR A 2 -2.09 2.67 0.83
H41 DNR A 2 -3.06 4.56 1.58
H42 DNR A 2 -4.80 4.78 1.48
H5 DNR A 2 -6.30 3.02 0.57
H2' DNR A 2 -6.19 -1.19 0.47
H2'' DNR A 2 -4.84 -2.16 1.13
H3' DNR A 2 -6.74 -3.20 -0.55
P DNR A 3 -5.04 -5.11 0.57
OP1 DNR A 3 -4.61 -6.42 0.06
OP2 DNR A 3 -6.41 -4.96 1.13
O5' DNR A 3 -3.99 -4.62 1.68
C5' DNR A 3 -2.63 -4.52 1.36
C4' DNR A 3 -1.69 -4.50 2.57
O4' DNR A 3 -1.75 -3.25 3.27
C1' DNR A 3 -1.67 -3.52 4.65
N1 DNR A 3 -2.06 -2.32 5.46
C6 DNR A 3 -3.38 -2.00 5.73
C2 DNR A 3 -1.05 -1.44 5.85
O2 DNR A 3 0.14 -1.65 5.65
N3 DNR A 3 -1.40 -0.28 6.47
C4 DNR A 3 -2.65 0.05 6.71
N4 DNR A 3 -2.93 1.21 7.28
C5 DNR A 3 -3.72 -0.83 6.34
C2' DNR A 3 -2.53 -4.79 4.77
C3' DNR A 3 -1.95 -5.59 3.61
O3' DNR A 3 -0.68 -6.18 3.89
H5' DNR A 3 -2.47 -3.60 0.80
H5'' DNR A 3 -2.34 -5.37 0.73
H4' DNR A 3 -0.69 -4.65 2.19
H1' DNR A 3 -0.64 -3.81 4.91
H6 DNR A 3 -4.15 -2.69 5.45
HN3 DNR A 3 -0.65 0.35 6.75
H41 DNR A 3 -2.16 1.88 7.47
H42 DNR A 3 -3.87 1.46 7.54
H5 DNR A 3 -4.76 -0.61 6.52
H2' DNR A 3 -3.58 -4.59 4.58
H2'' DNR A 3 -2.40 -5.26 5.73
H3' DNR A 3 -2.65 -6.36 3.26
P DNR A 8 5.96 -5.51 2.32
OP1 DNR A 8 6.41 -6.53 1.34
OP2 DNR A 8 6.40 -4.11 2.14
O5' DNR A 8 4.36 -5.52 2.23
C5' DNR A 8 3.59 -4.50 2.84
C4' DNR A 8 2.16 -4.47 2.29
O4' DNR A 8 1.49 -3.39 2.90
C1' DNR A 8 1.20 -2.37 1.96
N1 DNR A 8 1.51 -1.02 2.57
C6 DNR A 8 2.81 -0.62 2.80
C2 DNR A 8 0.46 -0.17 2.90
O2 DNR A 8 -0.72 -0.47 2.74
N3 DNR A 8 0.75 1.06 3.39
C4 DNR A 8 1.99 1.48 3.59
N4 DNR A 8 2.16 2.70 4.06
C5 DNR A 8 3.10 0.62 3.29
C2' DNR A 8 2.01 -2.70 0.69
C3' DNR A 8 2.13 -4.22 0.77
O3' DNR A 8 1.04 -4.88 0.16
H5' DNR A 8 4.06 -3.54 2.68
H5'' DNR A 8 3.55 -4.68 3.90
H4' DNR A 8 1.67 -5.43 2.50
H1' DNR A 8 0.14 -2.42 1.70
H6 DNR A 8 3.62 -1.32 2.59
HN3 DNR A 8 -0.06 1.65 3.62
H41 DNR A 8 1.33 3.26 4.28
H42 DNR A 8 3.08 3.07 4.27
H5 DNR A 8 4.13 0.91 3.46
H2' DNR A 8 3.00 -2.26 0.71
H2'' DNR A 8 1.49 -2.40 -0.21
H3' DNR A 8 3.09 -4.55 0.33
P DNR A 9 1.06 -5.26 -1.42
OP1 DNR A 9 0.33 -6.54 -1.59
OP2 DNR A 9 2.45 -5.16 -1.90
O5' DNR A 9 0.21 -4.08 -2.14
C5' DNR A 9 -1.21 -3.98 -1.97
C4' DNR A 9 -1.85 -2.91 -2.87
O4' DNR A 9 -1.44 -1.58 -2.51
C1' DNR A 9 -1.26 -0.85 -3.72
N1 DNR A 9 -0.53 0.42 -3.46
C6 DNR A 9 0.83 0.52 -3.57
C2 DNR A 9 -1.28 1.54 -3.04
O2 DNR A 9 -2.51 1.54 -2.98
N3 DNR A 9 -0.62 2.68 -2.71
C4 DNR A 9 0.70 2.77 -2.78
N4 DNR A 9 1.28 3.91 -2.43
C5 DNR A 9 1.50 1.68 -3.24
C2' DNR A 9 -0.58 -1.91 -4.59
C3' DNR A 9 -1.52 -3.08 -4.36
O3' DNR A 9 -2.68 -2.88 -5.15
H5' DNR A 9 -1.45 -3.75 -0.94
H5'' DNR A 9 -1.65 -4.94 -2.23
H4' DNR A 9 -2.94 -2.99 -2.76
H1' DNR A 9 -2.25 -0.64 -4.14
H6 DNR A 9 1.41 -0.31 -3.92
HN3 DNR A 9 -1.19 3.46 -2.40
H41 DNR A 9 0.67 4.69 -2.11
H42 DNR A 9 2.27 3.99 -2.34
H5 DNR A 9 2.56 1.74 -3.34
H2' DNR A 9 0.41 -2.19 -4.21
H2'' DNR A 9 -0.54 -1.62 -5.65
H3' DNR A 9 -1.07 -4.04 -4.56
P DNR A 26 5.87 10.37 -6.64
OP1 DNR A 26 6.25 11.16 -5.45
OP2 DNR A 26 6.83 10.24 -7.76
O5' DNR A 26 5.45 8.87 -6.18
C5' DNR A 26 5.03 8.57 -4.85
C4' DNR A 26 3.53 8.83 -4.63
O4' DNR A 26 2.72 7.91 -5.36
C1' DNR A 26 1.55 7.61 -4.61
N1 DNR A 26 0.90 6.34 -5.07
C6 DNR A 26 1.69 5.27 -5.46
C2 DNR A 26 -0.49 6.18 -5.00
O2 DNR A 26 -1.25 7.08 -4.62
N3 DNR A 26 -1.03 4.99 -5.35
C4 DNR A 26 -0.28 3.97 -5.74
N4 DNR A 26 -0.87 2.84 -6.08
C5 DNR A 26 1.14 4.07 -5.77
C2' DNR A 26 2.07 7.56 -3.17
C3' DNR A 26 3.12 8.66 -3.17
O3' DNR A 26 2.55 9.85 -2.67
H5' DNR A 26 5.61 9.17 -4.15
H5'' DNR A 26 5.24 7.52 -4.65
H4' DNR A 26 3.31 9.84 -4.95
H1' DNR A 26 0.83 8.45 -4.71
H6 DNR A 26 2.76 5.43 -5.51
HN3 DNR A 26 -2.04 4.92 -5.32
H41 DNR A 26 -1.89 2.79 -6.09
H42 DNR A 26 -0.34 2.08 -6.49
H5 DNR A 26 1.77 3.23 -6.04
H2' DNR A 26 2.54 6.60 -2.96
H2'' DNR A 26 1.28 7.77 -2.45
H3' DNR A 26 3.97 8.35 -2.56
P DNR A 2 -8.28 0.39 -2.88
OP1 DNR A 2 -9.34 -0.63 -2.69
OP2 DNR A 2 -8.27 1.64 -2.09
O5' DNR A 2 -6.87 -0.32 -2.63
C5' DNR A 2 -6.44 -1.46 -3.33
C4' DNR A 2 -5.14 -2.01 -2.72
O4' DNR A 2 -4.27 -0.92 -2.39
C1' DNR A 2 -4.09 -0.85 -0.98
N1 DNR A 2 -4.08 0.56 -0.47
C6 DNR A 2 -5.25 1.31 -0.33
C2 DNR A 2 -2.86 1.10 -0.03
O2 DNR A 2 -1.79 0.53 -0.18
N3 DNR A 2 -2.86 2.32 0.58
C4 DNR A 2 -3.97 3.02 0.78
N4 DNR A 2 -3.87 4.20 1.36
C5 DNR A 2 -5.24 2.52 0.31
C2' DNR A 2 -5.21 -1.71 -0.36
C3' DNR A 2 -5.35 -2.80 -1.41
O3' DNR A 2 -4.31 -3.77 -1.24
H5' DNR A 2 -6.26 -1.19 -4.38
H5'' DNR A 2 -7.21 -2.23 -3.30
H4' DNR A 2 -4.68 -2.67 -3.45
H1' DNR A 2 -3.14 -1.33 -0.74
H6 DNR A 2 -6.17 0.93 -0.72
HN3 DNR A 2 -1.95 2.69 0.84
H41 DNR A 2 -2.91 4.55 1.56
H42 DNR A 2 -4.65 4.82 1.51
H5 DNR A 2 -6.16 3.07 0.41
H2' DNR A 2 -6.16 -1.18 -0.28
H2'' DNR A 2 -4.92 -2.13 0.61
H3' DNR A 2 -6.33 -3.28 -1.38
P DNR A 3 -4.51 -5.05 -0.27
OP1 DNR A 3 -4.63 -6.26 -1.12
OP2 DNR A 3 -5.56 -4.76 0.72
O5' DNR A 3 -3.12 -5.14 0.53
C5' DNR A 3 -2.79 -4.14 1.46
C4' DNR A 3 -1.40 -4.35 2.06
O4' DNR A 3 -1.19 -3.26 2.94
C1' DNR A 3 -1.12 -3.72 4.29
N1 DNR A 3 -1.71 -2.68 5.19
C6 DNR A 3 -3.07 -2.59 5.45
C2 DNR A 3 -0.87 -1.65 5.65
O2 DNR A 3 0.35 -1.67 5.48
N3 DNR A 3 -1.41 -0.58 6.29
C4 DNR A 3 -2.71 -0.47 6.50
N4 DNR A 3 -3.15 0.60 7.14
C5 DNR A 3 -3.61 -1.51 6.08
C2' DNR A 3 -1.76 -5.12 4.25
C3' DNR A 3 -1.20 -5.60 2.92
O3' DNR A 3 0.21 -5.87 2.98
H5' DNR A 3 -3.53 -4.11 2.26
H5'' DNR A 3 -2.77 -3.17 0.96
H4' DNR A 3 -0.66 -4.36 1.24
H1' DNR A 3 -0.06 -3.86 4.53
H6 DNR A 3 -3.71 -3.39 5.13
HN3 DNR A 3 -0.77 0.15 6.59
H41 DNR A 3 -2.48 1.32 7.45
H42 DNR A 3 -4.13 0.71 7.37
H5 DNR A 3 -4.67 -1.47 6.26
H2' DNR A 3 -2.84 -5.11 4.21
H2'' DNR A 3 -1.42 -5.74 5.08
H3' DNR A 3 -1.73 -6.47 2.52
P DNR A 8 6.96 -4.05 1.30
OP1 DNR A 8 7.19 -5.13 0.31
OP2 DNR A 8 7.67 -2.77 1.16
O5' DNR A 8 5.37 -3.77 1.46
C5' DNR A 8 4.43 -4.83 1.67
C4' DNR A 8 2.98 -4.32 1.60
O4' DNR A 8 2.73 -3.26 2.51
C1' DNR A 8 1.86 -2.33 1.90
N1 DNR A 8 2.05 -1.00 2.54
C6 DNR A 8 3.31 -0.53 2.83
C2 DNR A 8 0.92 -0.20 2.81
O2 DNR A 8 -0.22 -0.54 2.54
N3 DNR A 8 1.11 1.02 3.39
C4 DNR A 8 2.32 1.47 3.69
N4 DNR A 8 2.39 2.68 4.24
C5 DNR A 8 3.50 0.70 3.41
C2' DNR A 8 2.29 -2.34 0.43
C3' DNR A 8 2.63 -3.81 0.19
O3' DNR A 8 1.53 -4.54 -0.31
H5' DNR A 8 4.56 -5.29 2.66
H5'' DNR A 8 4.57 -5.58 0.90
H4' DNR A 8 2.29 -5.14 1.82
H1' DNR A 8 0.84 -2.69 2.00
H6 DNR A 8 4.15 -1.17 2.61
HN3 DNR A 8 0.29 1.56 3.58
H41 DNR A 8 1.52 3.19 4.43
H42 DNR A 8 3.27 3.07 4.55
H5 DNR A 8 4.50 1.04 3.61
H2' DNR A 8 3.18 -1.74 0.26
H2'' DNR A 8 1.47 -2.01 -0.22
H3' DNR A 8 3.51 -3.90 -0.46
P DNR A 9 1.42 -4.98 -1.87
OP1 DNR A 9 0.63 -6.23 -1.97
OP2 DNR A 9 2.76 -4.90 -2.49
O5' DNR A 9 0.53 -3.79 -2.46
C5' DNR A 9 -0.83 -3.67 -2.09
C4' DNR A 9 -1.55 -2.62 -2.92
O4' DNR A 9 -1.10 -1.30 -2.63
C1' DNR A 9 -1.15 -0.57 -3.85
N1 DNR A 9 -0.40 0.72 -3.69
C6 DNR A 9 0.96 0.84 -3.93
C2 DNR A 9 -1.09 1.83 -3.16
O2 DNR A 9 -2.31 1.84 -3.03
N3 DNR A 9 -0.38 2.93 -2.79
C4 DNR A 9 0.92 3.00 -2.92
N4 DNR A 9 1.54 4.11 -2.52
C5 DNR A 9 1.67 1.94 -3.53
C2' DNR A 9 -0.63 -1.61 -4.85
C3' DNR A 9 -1.43 -2.83 -4.43
O3' DNR A 9 -2.71 -2.80 -5.02
H5' DNR A 9 -0.89 -3.39 -1.04
H5'' DNR A 9 -1.33 -4.62 -2.23
H4' DNR A 9 -2.60 -2.70 -2.67
H1' DNR A 9 -2.21 -0.36 -4.07
H6 DNR A 9 1.49 0.06 -4.44
HN3 DNR A 9 -0.93 3.71 -2.42
H41 DNR A 9 0.97 4.87 -2.14
H42 DNR A 9 2.54 4.20 -2.54
H5 DNR A 9 2.73 2.00 -3.70
H2' DNR A 9 0.44 -1.83 -4.69
H2'' DNR A 9 -0.82 -1.33 -5.88
H3' DNR A 9 -0.91 -3.76 -4.66
P DNR A 26 6.07 11.01 -6.96
OP1 DNR A 26 6.52 11.87 -5.85
OP2 DNR A 26 6.95 10.86 -8.14
O5' DNR A 26 5.75 9.52 -6.40
C5' DNR A 26 5.42 9.27 -5.03
C4' DNR A 26 3.93 9.46 -4.71
O4' DNR A 26 3.09 8.62 -5.49
C1' DNR A 26 1.85 8.45 -4.82
N1 DNR A 26 1.29 7.08 -5.06
C6 DNR A 26 2.11 6.00 -5.36
C2 DNR A 26 -0.10 6.90 -4.98
O2 DNR A 26 -0.86 7.77 -4.58
N3 DNR A 26 -0.61 5.70 -5.35
C4 DNR A 26 0.15 4.68 -5.73
N4 DNR A 26 -0.44 3.57 -6.11
C5 DNR A 26 1.58 4.79 -5.69
C2' DNR A 26 2.12 8.77 -3.34
C3' DNR A 26 3.63 9.01 -3.28
O3' DNR A 26 4.00 10.00 -2.34
H5' DNR A 26 6.02 9.93 -4.39
H5'' DNR A 26 5.70 8.24 -4.81
H4' DNR A 26 3.65 10.50 -4.84
H1' DNR A 26 1.15 9.19 -5.21
H6 DNR A 26 3.18 6.17 -5.35
HN3 DNR A 26 -1.63 5.61 -5.31
H41 DNR A 26 -1.48 3.57 -6.18
H42 DNR A 26 0.07 2.80 -6.51
H5 DNR A 26 2.22 3.94 -5.91
H2' DNR A 26 1.84 7.95 -2.68
H2'' DNR A 26 1.57 9.68 -3.05
H3' DNR A 26 4.14 8.08 -3.09
#